data_2VBD
#
_entry.id   2VBD
#
_cell.length_a   46.537
_cell.length_b   71.314
_cell.length_c   100.651
_cell.angle_alpha   90.00
_cell.angle_beta   90.00
_cell.angle_gamma   90.00
#
_symmetry.space_group_name_H-M   'P 21 21 21'
#
loop_
_entity.id
_entity.type
_entity.pdbx_description
1 polymer 'ISOPENICILLIN N SYNTHETASE'
2 non-polymer 'FE (II) ION'
3 non-polymer N^6^-[(1R)-2-[(1R)-1-carboxy-2-(methylsulfanyl)ethoxy]-2-oxo-1-(sulfanylmethyl)ethyl]-6-oxo-L-lysine
4 water water
#
_entity_poly.entity_id   1
_entity_poly.type   'polypeptide(L)'
_entity_poly.pdbx_seq_one_letter_code
;MGSVSKANVPKIDVSPLFGDDQAAKMRVAQQIDAASRDTGFFYAVNHGINVQRLSQKTKEFHMSITPEEKWDLAIRAYNK
EHQDQVRAGYYLSIPGKKAVESFCYLNPNFTPDHPRIQAKTPTHEVNVWPDETKHPGFQDFAEQYYWDVFGLSSALLKGY
ALALGKEENFFARHFKPDDTLASVVLIRYPYLDPYPEAAIKTAADGTKLSFEWHEDVSLITVLYQSNVQNLQVETAAGYQ
DIEADDTGYLINCGSYMAHLTNNYYKAPIHRVKWVNAERQSLPFFVNLGYDSVIDPFDPREPNGKSDREPLSYGDYLQNG
LVSLINKNGQT
;
_entity_poly.pdbx_strand_id   A
#
# COMPACT_ATOMS: atom_id res chain seq x y z
N SER A 3 1.74 -10.17 -26.33
CA SER A 3 3.22 -9.97 -26.37
C SER A 3 3.84 -10.30 -25.01
N VAL A 4 3.25 -9.69 -23.97
CA VAL A 4 3.68 -9.89 -22.57
C VAL A 4 2.90 -11.05 -21.97
N SER A 5 3.56 -11.97 -21.29
CA SER A 5 2.85 -13.10 -20.68
C SER A 5 2.33 -12.73 -19.29
N LYS A 6 1.33 -13.50 -18.87
CA LYS A 6 0.63 -13.39 -17.62
C LYS A 6 1.48 -13.80 -16.44
N ALA A 7 1.55 -12.96 -15.40
CA ALA A 7 2.21 -13.32 -14.15
C ALA A 7 1.34 -14.34 -13.39
N ASN A 8 2.02 -15.27 -12.70
CA ASN A 8 1.41 -16.17 -11.75
C ASN A 8 1.03 -15.43 -10.52
N VAL A 9 -0.26 -15.19 -10.37
CA VAL A 9 -0.75 -14.52 -9.17
C VAL A 9 -1.84 -15.45 -8.66
N PRO A 10 -1.49 -16.31 -7.74
CA PRO A 10 -2.57 -17.15 -7.19
C PRO A 10 -3.66 -16.43 -6.35
N LYS A 11 -4.85 -17.00 -6.30
CA LYS A 11 -5.92 -16.55 -5.44
C LYS A 11 -5.87 -17.41 -4.20
N ILE A 12 -5.70 -16.78 -3.05
CA ILE A 12 -5.61 -17.50 -1.79
C ILE A 12 -6.79 -17.17 -0.90
N ASP A 13 -7.52 -18.20 -0.44
CA ASP A 13 -8.56 -18.01 0.53
C ASP A 13 -7.92 -17.82 1.88
N VAL A 14 -8.02 -16.58 2.40
CA VAL A 14 -7.30 -16.18 3.61
C VAL A 14 -8.23 -16.29 4.81
N SER A 15 -9.44 -16.77 4.59
CA SER A 15 -10.43 -16.81 5.67
C SER A 15 -10.01 -17.67 6.91
N PRO A 16 -9.21 -18.73 6.73
CA PRO A 16 -8.80 -19.41 7.98
C PRO A 16 -7.92 -18.57 8.92
N LEU A 17 -7.37 -17.48 8.40
CA LEU A 17 -6.53 -16.59 9.20
C LEU A 17 -7.27 -15.75 10.23
N PHE A 18 -8.57 -15.64 10.04
CA PHE A 18 -9.40 -15.00 11.01
C PHE A 18 -9.82 -15.93 12.15
N GLY A 19 -9.61 -17.23 12.01
CA GLY A 19 -10.23 -18.21 12.92
C GLY A 19 -9.19 -18.87 13.83
N ASP A 20 -9.55 -20.02 14.34
CA ASP A 20 -8.73 -20.72 15.38
C ASP A 20 -8.42 -22.12 14.91
N ASP A 21 -8.56 -22.42 13.62
CA ASP A 21 -8.13 -23.69 13.14
C ASP A 21 -6.65 -23.64 12.72
N GLN A 22 -5.76 -24.13 13.60
CA GLN A 22 -4.31 -23.87 13.40
C GLN A 22 -3.75 -24.59 12.18
N ALA A 23 -4.24 -25.77 11.92
CA ALA A 23 -3.76 -26.57 10.78
C ALA A 23 -4.15 -25.89 9.46
N ALA A 24 -5.36 -25.36 9.42
CA ALA A 24 -5.88 -24.73 8.23
C ALA A 24 -5.08 -23.40 8.00
N LYS A 25 -4.71 -22.69 9.06
CA LYS A 25 -3.85 -21.51 8.94
C LYS A 25 -2.48 -21.86 8.36
N MET A 26 -1.93 -23.02 8.73
CA MET A 26 -0.65 -23.47 8.15
C MET A 26 -0.72 -23.78 6.69
N ARG A 27 -1.82 -24.37 6.23
CA ARG A 27 -2.06 -24.52 4.81
C ARG A 27 -2.19 -23.18 4.05
N VAL A 28 -2.75 -22.15 4.68
CA VAL A 28 -2.70 -20.82 4.07
C VAL A 28 -1.30 -20.25 4.05
N ALA A 29 -0.56 -20.45 5.14
CA ALA A 29 0.81 -20.00 5.27
C ALA A 29 1.67 -20.53 4.14
N GLN A 30 1.47 -21.83 3.84
CA GLN A 30 2.23 -22.44 2.79
C GLN A 30 1.95 -21.76 1.46
N GLN A 31 0.67 -21.45 1.16
CA GLN A 31 0.37 -20.78 -0.08
C GLN A 31 1.06 -19.40 -0.19
N ILE A 32 1.09 -18.68 0.95
CA ILE A 32 1.71 -17.41 1.04
C ILE A 32 3.21 -17.55 0.79
N ASP A 33 3.82 -18.58 1.36
CA ASP A 33 5.25 -18.81 1.19
C ASP A 33 5.57 -19.06 -0.30
N ALA A 34 4.73 -19.85 -0.94
CA ALA A 34 4.94 -20.21 -2.32
C ALA A 34 4.84 -18.97 -3.26
N ALA A 35 3.80 -18.18 -3.05
CA ALA A 35 3.55 -16.97 -3.81
C ALA A 35 4.66 -15.95 -3.57
N SER A 36 5.18 -15.91 -2.34
CA SER A 36 6.19 -14.93 -1.94
C SER A 36 7.56 -15.30 -2.53
N ARG A 37 7.78 -16.61 -2.71
CA ARG A 37 9.04 -17.05 -3.35
C ARG A 37 9.00 -17.03 -4.88
N ASP A 38 7.81 -16.95 -5.47
CA ASP A 38 7.61 -17.01 -6.94
C ASP A 38 7.49 -15.53 -7.45
N THR A 39 6.36 -15.08 -8.00
CA THR A 39 6.30 -13.68 -8.46
C THR A 39 6.24 -12.63 -7.36
N GLY A 40 5.90 -13.02 -6.14
CA GLY A 40 5.80 -12.06 -5.05
C GLY A 40 4.47 -11.36 -4.92
N PHE A 41 3.47 -11.80 -5.72
CA PHE A 41 2.13 -11.27 -5.67
C PHE A 41 1.16 -12.43 -5.48
N PHE A 42 0.10 -12.18 -4.70
CA PHE A 42 -1.15 -13.01 -4.75
C PHE A 42 -2.37 -12.18 -4.51
N TYR A 43 -3.54 -12.76 -4.80
CA TYR A 43 -4.82 -12.15 -4.42
C TYR A 43 -5.32 -12.88 -3.21
N ALA A 44 -5.65 -12.12 -2.18
CA ALA A 44 -6.37 -12.60 -1.02
C ALA A 44 -7.86 -12.62 -1.34
N VAL A 45 -8.47 -13.78 -1.24
CA VAL A 45 -9.91 -13.92 -1.47
C VAL A 45 -10.59 -14.35 -0.17
N ASN A 46 -11.90 -14.17 -0.07
CA ASN A 46 -12.65 -14.44 1.19
C ASN A 46 -12.11 -13.66 2.39
N HIS A 47 -11.91 -12.36 2.12
CA HIS A 47 -11.14 -11.42 2.98
C HIS A 47 -12.13 -10.68 3.87
N GLY A 48 -13.42 -10.81 3.56
CA GLY A 48 -14.47 -10.23 4.40
C GLY A 48 -14.76 -8.74 4.26
N ILE A 49 -14.08 -8.02 3.38
CA ILE A 49 -14.28 -6.58 3.27
C ILE A 49 -15.25 -6.25 2.09
N ASN A 50 -16.13 -5.30 2.32
CA ASN A 50 -17.09 -4.92 1.27
C ASN A 50 -16.37 -3.96 0.32
N VAL A 51 -15.72 -4.52 -0.69
CA VAL A 51 -14.96 -3.68 -1.57
C VAL A 51 -15.84 -2.90 -2.56
N GLN A 52 -17.03 -3.38 -2.91
CA GLN A 52 -17.84 -2.65 -3.88
C GLN A 52 -18.34 -1.35 -3.23
N ARG A 53 -18.64 -1.41 -1.95
CA ARG A 53 -18.96 -0.21 -1.17
C ARG A 53 -17.79 0.74 -1.03
N LEU A 54 -16.60 0.23 -0.67
CA LEU A 54 -15.39 1.03 -0.70
C LEU A 54 -15.25 1.77 -2.04
N SER A 55 -15.40 1.07 -3.14
CA SER A 55 -15.29 1.71 -4.48
C SER A 55 -16.36 2.73 -4.72
N GLN A 56 -17.56 2.47 -4.22
CA GLN A 56 -18.65 3.45 -4.41
C GLN A 56 -18.44 4.74 -3.59
N LYS A 57 -18.08 4.56 -2.32
CA LYS A 57 -17.85 5.70 -1.44
C LYS A 57 -16.67 6.52 -1.95
N THR A 58 -15.66 5.84 -2.44
CA THR A 58 -14.47 6.50 -2.95
C THR A 58 -14.75 7.27 -4.26
N LYS A 59 -15.44 6.64 -5.18
CA LYS A 59 -16.00 7.29 -6.37
C LYS A 59 -16.77 8.60 -6.03
N GLU A 60 -17.68 8.51 -5.05
CA GLU A 60 -18.51 9.67 -4.68
C GLU A 60 -17.63 10.85 -4.20
N PHE A 61 -16.61 10.57 -3.39
CA PHE A 61 -15.58 11.55 -3.01
C PHE A 61 -14.81 12.11 -4.17
N HIS A 62 -14.21 11.28 -5.01
CA HIS A 62 -13.35 11.81 -6.05
C HIS A 62 -14.14 12.69 -7.04
N MET A 63 -15.37 12.32 -7.32
CA MET A 63 -16.11 13.00 -8.28
C MET A 63 -16.76 14.26 -7.73
N SER A 64 -16.90 14.40 -6.40
CA SER A 64 -17.53 15.58 -5.87
C SER A 64 -16.57 16.62 -5.18
N ILE A 65 -15.35 16.23 -4.88
CA ILE A 65 -14.35 17.20 -4.41
C ILE A 65 -14.05 18.28 -5.49
N THR A 66 -13.94 19.51 -5.04
CA THR A 66 -13.78 20.67 -5.95
C THR A 66 -12.34 21.11 -5.87
N PRO A 67 -11.91 21.86 -6.89
CA PRO A 67 -10.61 22.49 -6.91
C PRO A 67 -10.30 23.30 -5.66
N GLU A 68 -11.28 24.06 -5.18
CA GLU A 68 -11.12 24.82 -3.97
C GLU A 68 -10.74 23.90 -2.79
N GLU A 69 -11.48 22.81 -2.66
CA GLU A 69 -11.27 21.86 -1.53
C GLU A 69 -9.89 21.22 -1.61
N LYS A 70 -9.43 20.99 -2.82
CA LYS A 70 -8.14 20.30 -3.01
C LYS A 70 -6.96 21.12 -2.50
N TRP A 71 -6.95 22.43 -2.82
CA TRP A 71 -5.93 23.36 -2.25
C TRP A 71 -6.08 23.40 -0.73
N ASP A 72 -7.33 23.45 -0.25
CA ASP A 72 -7.60 23.54 1.23
C ASP A 72 -7.08 22.33 2.05
N LEU A 73 -7.01 21.20 1.35
CA LEU A 73 -6.57 19.94 1.89
C LEU A 73 -5.19 19.52 1.40
N ALA A 74 -4.56 20.33 0.56
CA ALA A 74 -3.34 19.93 -0.12
C ALA A 74 -2.11 19.69 0.84
N ILE A 75 -1.35 18.65 0.52
CA ILE A 75 -0.05 18.47 1.17
C ILE A 75 0.89 19.61 0.82
N ARG A 76 1.95 19.65 1.61
CA ARG A 76 2.94 20.73 1.56
C ARG A 76 3.58 20.86 0.18
N ALA A 77 3.80 19.74 -0.49
CA ALA A 77 4.40 19.77 -1.82
C ALA A 77 3.57 20.59 -2.81
N TYR A 78 2.29 20.74 -2.54
CA TYR A 78 1.42 21.58 -3.39
C TYR A 78 1.01 22.88 -2.75
N ASN A 79 1.07 22.97 -1.43
CA ASN A 79 0.59 24.14 -0.69
C ASN A 79 1.54 24.42 0.42
N LYS A 80 2.42 25.37 0.19
CA LYS A 80 3.39 25.67 1.21
C LYS A 80 2.86 26.23 2.50
N GLU A 81 1.59 26.59 2.58
CA GLU A 81 0.96 26.95 3.85
C GLU A 81 0.82 25.73 4.80
N HIS A 82 0.86 24.52 4.25
CA HIS A 82 0.45 23.35 5.02
C HIS A 82 1.71 22.60 5.42
N GLN A 83 2.61 23.30 6.11
CA GLN A 83 3.91 22.72 6.47
C GLN A 83 3.90 21.39 7.23
N ASP A 84 2.90 21.14 8.03
CA ASP A 84 2.82 19.85 8.76
C ASP A 84 2.28 18.71 7.90
N GLN A 85 1.81 19.02 6.70
CA GLN A 85 1.20 17.99 5.86
C GLN A 85 2.23 17.43 4.89
N VAL A 86 3.04 16.49 5.41
CA VAL A 86 4.02 15.83 4.59
C VAL A 86 3.37 14.64 3.89
N ARG A 87 2.58 13.88 4.64
CA ARG A 87 2.01 12.57 4.15
C ARG A 87 0.51 12.66 3.81
N ALA A 88 -0.28 13.23 4.72
CA ALA A 88 -1.73 13.14 4.71
C ALA A 88 -2.30 14.37 4.03
N GLY A 89 -3.30 14.15 3.21
CA GLY A 89 -4.02 15.22 2.53
C GLY A 89 -4.13 14.94 1.04
N TYR A 90 -4.38 16.00 0.31
CA TYR A 90 -4.64 15.90 -1.12
C TYR A 90 -3.38 16.11 -1.97
N TYR A 91 -3.20 15.20 -2.93
CA TYR A 91 -2.12 15.23 -3.87
C TYR A 91 -2.74 15.61 -5.21
N LEU A 92 -2.54 16.84 -5.67
CA LEU A 92 -3.24 17.39 -6.83
C LEU A 92 -2.64 16.84 -8.14
N SER A 93 -3.48 16.75 -9.19
CA SER A 93 -3.02 16.51 -10.53
C SER A 93 -2.51 17.83 -11.07
N ILE A 94 -1.82 17.76 -12.20
CA ILE A 94 -1.56 18.95 -13.02
C ILE A 94 -2.05 18.76 -14.47
N PRO A 95 -3.27 19.26 -14.78
CA PRO A 95 -3.74 19.08 -16.16
C PRO A 95 -2.64 19.47 -17.19
N GLY A 96 -2.51 18.65 -18.23
CA GLY A 96 -1.41 18.80 -19.19
C GLY A 96 -0.11 18.09 -18.83
N LYS A 97 0.07 17.72 -17.55
CA LYS A 97 1.39 17.18 -17.08
C LYS A 97 1.46 15.92 -16.13
N LYS A 98 0.57 15.85 -15.16
CA LYS A 98 0.55 14.74 -14.19
C LYS A 98 -0.90 14.40 -14.00
N ALA A 99 -1.33 13.24 -14.49
CA ALA A 99 -2.74 12.95 -14.57
C ALA A 99 -3.31 12.55 -13.20
N VAL A 100 -2.58 11.71 -12.48
CA VAL A 100 -3.05 11.07 -11.25
C VAL A 100 -3.20 12.08 -10.11
N GLU A 101 -4.20 11.82 -9.29
CA GLU A 101 -4.42 12.55 -8.07
C GLU A 101 -4.94 11.58 -7.01
N SER A 102 -4.83 12.01 -5.77
CA SER A 102 -5.12 11.16 -4.61
C SER A 102 -5.31 11.90 -3.31
N PHE A 103 -5.88 11.15 -2.34
CA PHE A 103 -6.04 11.57 -1.00
C PHE A 103 -5.45 10.52 -0.04
N CYS A 104 -4.56 10.95 0.84
CA CYS A 104 -3.93 10.02 1.77
C CYS A 104 -4.32 10.34 3.18
N TYR A 105 -4.68 9.29 3.92
CA TYR A 105 -4.83 9.42 5.32
C TYR A 105 -4.15 8.31 6.15
N LEU A 106 -3.91 8.67 7.41
CA LEU A 106 -3.16 7.85 8.36
C LEU A 106 -4.06 7.34 9.50
N ASN A 107 -3.44 6.69 10.43
CA ASN A 107 -4.07 6.25 11.66
C ASN A 107 -4.99 7.29 12.27
N PRO A 108 -6.27 6.99 12.31
CA PRO A 108 -7.20 7.94 12.98
C PRO A 108 -6.89 8.23 14.44
N ASN A 109 -6.13 7.36 15.10
CA ASN A 109 -5.72 7.58 16.46
C ASN A 109 -4.63 8.64 16.59
N PHE A 110 -4.08 9.11 15.48
CA PHE A 110 -3.12 10.22 15.52
C PHE A 110 -3.92 11.51 15.66
N THR A 111 -4.27 11.75 16.91
CA THR A 111 -5.09 12.90 17.31
C THR A 111 -4.18 13.99 17.91
N PRO A 112 -4.68 15.21 18.08
CA PRO A 112 -3.83 16.23 18.65
C PRO A 112 -3.17 15.91 19.99
N ASP A 113 -3.81 15.08 20.83
CA ASP A 113 -3.24 14.65 22.12
C ASP A 113 -2.33 13.42 22.05
N HIS A 114 -2.21 12.78 20.88
CA HIS A 114 -1.37 11.59 20.76
C HIS A 114 0.06 11.96 21.07
N PRO A 115 0.75 11.15 21.92
CA PRO A 115 2.11 11.49 22.34
C PRO A 115 3.09 11.73 21.17
N ARG A 116 2.93 11.02 20.07
CA ARG A 116 3.81 11.22 18.94
C ARG A 116 3.51 12.46 18.17
N ILE A 117 2.25 12.91 18.20
CA ILE A 117 1.83 14.14 17.59
C ILE A 117 2.32 15.34 18.46
N GLN A 118 2.15 15.21 19.77
CA GLN A 118 2.72 16.17 20.72
C GLN A 118 4.24 16.36 20.54
N ALA A 119 4.97 15.25 20.39
CA ALA A 119 6.41 15.30 20.18
C ALA A 119 6.80 15.77 18.81
N LYS A 120 5.84 15.90 17.90
CA LYS A 120 6.10 16.24 16.50
C LYS A 120 7.06 15.25 15.85
N THR A 121 6.83 13.97 16.14
CA THR A 121 7.71 12.93 15.61
C THR A 121 7.49 12.80 14.07
N PRO A 122 8.57 12.74 13.27
CA PRO A 122 8.41 12.59 11.81
C PRO A 122 7.49 11.39 11.46
N THR A 123 6.72 11.55 10.39
CA THR A 123 5.82 10.53 9.78
C THR A 123 4.50 10.36 10.50
N HIS A 124 4.38 10.97 11.69
CA HIS A 124 3.08 11.08 12.40
C HIS A 124 2.38 12.44 12.08
N GLU A 125 1.14 12.42 11.66
CA GLU A 125 0.36 13.66 11.41
C GLU A 125 -1.08 13.41 11.71
N VAL A 126 -1.78 14.49 12.01
CA VAL A 126 -3.21 14.46 12.22
C VAL A 126 -3.91 14.54 10.84
N ASN A 127 -4.82 13.62 10.55
CA ASN A 127 -5.51 13.64 9.27
C ASN A 127 -6.26 14.92 9.05
N VAL A 128 -6.33 15.35 7.79
CA VAL A 128 -7.22 16.43 7.34
C VAL A 128 -8.40 15.85 6.54
N TRP A 129 -9.60 16.41 6.73
CA TRP A 129 -10.80 15.92 6.08
C TRP A 129 -11.54 17.08 5.46
N PRO A 130 -12.31 16.82 4.40
CA PRO A 130 -13.16 17.85 3.81
C PRO A 130 -14.30 18.13 4.76
N ASP A 131 -15.10 19.13 4.41
CA ASP A 131 -16.21 19.55 5.19
C ASP A 131 -17.30 18.46 5.14
N GLU A 132 -17.82 18.12 6.31
CA GLU A 132 -18.78 17.08 6.47
C GLU A 132 -20.05 17.36 5.67
N THR A 133 -20.47 18.61 5.61
CA THR A 133 -21.76 18.92 4.96
C THR A 133 -21.52 18.77 3.46
N LYS A 134 -20.28 18.90 2.97
CA LYS A 134 -20.04 18.72 1.53
C LYS A 134 -19.79 17.28 1.12
N HIS A 135 -19.37 16.46 2.09
CA HIS A 135 -19.04 15.05 1.88
C HIS A 135 -19.61 14.23 3.01
N PRO A 136 -20.94 14.19 3.10
CA PRO A 136 -21.53 13.60 4.28
C PRO A 136 -21.16 12.12 4.39
N GLY A 137 -20.77 11.66 5.56
CA GLY A 137 -20.48 10.27 5.72
C GLY A 137 -19.05 9.87 5.35
N PHE A 138 -18.33 10.72 4.60
CA PHE A 138 -17.03 10.30 4.07
C PHE A 138 -15.95 9.98 5.13
N GLN A 139 -15.74 10.90 6.06
CA GLN A 139 -14.73 10.74 7.09
C GLN A 139 -15.04 9.49 7.93
N ASP A 140 -16.29 9.29 8.32
CA ASP A 140 -16.64 8.13 9.12
C ASP A 140 -16.50 6.83 8.34
N PHE A 141 -16.88 6.84 7.07
CA PHE A 141 -16.63 5.68 6.20
C PHE A 141 -15.13 5.35 6.03
N ALA A 142 -14.34 6.38 5.76
CA ALA A 142 -12.93 6.27 5.54
C ALA A 142 -12.21 5.78 6.81
N GLU A 143 -12.61 6.29 7.95
CA GLU A 143 -11.97 5.85 9.22
C GLU A 143 -12.36 4.41 9.48
N GLN A 144 -13.63 4.06 9.27
CA GLN A 144 -14.06 2.69 9.38
C GLN A 144 -13.28 1.76 8.43
N TYR A 145 -13.07 2.22 7.19
CA TYR A 145 -12.33 1.41 6.20
C TYR A 145 -10.92 1.12 6.76
N TYR A 146 -10.25 2.13 7.24
CA TYR A 146 -8.96 1.94 7.86
C TYR A 146 -8.99 0.76 8.83
N TRP A 147 -9.97 0.70 9.72
CA TRP A 147 -10.02 -0.41 10.70
C TRP A 147 -10.38 -1.78 10.06
N ASP A 148 -11.14 -1.78 8.97
CA ASP A 148 -11.54 -3.02 8.30
C ASP A 148 -10.29 -3.54 7.60
N VAL A 149 -9.57 -2.69 6.87
CA VAL A 149 -8.35 -3.15 6.22
C VAL A 149 -7.20 -3.46 7.24
N PHE A 150 -7.14 -2.72 8.33
CA PHE A 150 -6.24 -3.02 9.41
C PHE A 150 -6.47 -4.45 9.86
N GLY A 151 -7.74 -4.79 10.03
CA GLY A 151 -8.16 -6.18 10.44
C GLY A 151 -7.67 -7.28 9.47
N LEU A 152 -7.95 -7.06 8.18
CA LEU A 152 -7.43 -7.95 7.14
C LEU A 152 -5.91 -8.07 7.19
N SER A 153 -5.21 -6.95 7.36
CA SER A 153 -3.77 -6.97 7.33
C SER A 153 -3.19 -7.73 8.55
N SER A 154 -3.84 -7.62 9.70
CA SER A 154 -3.38 -8.35 10.86
C SER A 154 -3.47 -9.82 10.52
N ALA A 155 -4.59 -10.20 9.92
CA ALA A 155 -4.77 -11.65 9.57
C ALA A 155 -3.66 -12.09 8.65
N LEU A 156 -3.40 -11.31 7.59
CA LEU A 156 -2.37 -11.57 6.63
C LEU A 156 -0.99 -11.66 7.31
N LEU A 157 -0.74 -10.78 8.27
CA LEU A 157 0.57 -10.80 8.93
C LEU A 157 0.71 -12.05 9.79
N LYS A 158 -0.40 -12.59 10.26
CA LYS A 158 -0.36 -13.90 10.95
C LYS A 158 0.05 -15.05 9.95
N GLY A 159 -0.49 -14.99 8.74
CA GLY A 159 -0.08 -15.94 7.71
C GLY A 159 1.39 -15.84 7.27
N TYR A 160 1.89 -14.62 7.04
CA TYR A 160 3.33 -14.41 6.73
C TYR A 160 4.24 -14.87 7.87
N ALA A 161 3.82 -14.66 9.14
CA ALA A 161 4.58 -15.13 10.32
C ALA A 161 4.73 -16.67 10.29
N LEU A 162 3.60 -17.32 10.11
CA LEU A 162 3.56 -18.77 10.07
C LEU A 162 4.35 -19.25 8.92
N ALA A 163 4.27 -18.55 7.80
CA ALA A 163 4.99 -18.90 6.55
C ALA A 163 6.51 -18.93 6.76
N LEU A 164 6.99 -18.04 7.63
CA LEU A 164 8.40 -17.85 7.84
C LEU A 164 8.91 -18.71 9.01
N GLY A 165 8.05 -19.53 9.57
CA GLY A 165 8.45 -20.48 10.64
C GLY A 165 8.38 -19.82 12.00
N LYS A 166 7.61 -18.75 12.10
CA LYS A 166 7.52 -17.99 13.37
C LYS A 166 6.18 -18.21 13.98
N GLU A 167 5.99 -17.76 15.23
CA GLU A 167 4.66 -17.78 15.87
C GLU A 167 3.76 -16.74 15.18
N GLU A 168 2.46 -16.90 15.29
CA GLU A 168 1.55 -16.17 14.41
C GLU A 168 1.59 -14.67 14.79
N ASN A 169 1.90 -14.32 16.03
CA ASN A 169 2.05 -12.90 16.44
C ASN A 169 3.39 -12.22 16.10
N PHE A 170 4.27 -12.87 15.31
CA PHE A 170 5.60 -12.31 15.09
C PHE A 170 5.62 -10.87 14.54
N PHE A 171 4.81 -10.61 13.52
CA PHE A 171 4.71 -9.26 12.91
C PHE A 171 3.61 -8.49 13.64
N ALA A 172 2.52 -9.20 13.91
CA ALA A 172 1.27 -8.52 14.34
C ALA A 172 1.40 -7.82 15.70
N ARG A 173 2.34 -8.27 16.52
CA ARG A 173 2.55 -7.69 17.82
C ARG A 173 3.15 -6.27 17.66
N HIS A 174 3.72 -5.98 16.48
CA HIS A 174 4.32 -4.65 16.14
C HIS A 174 3.31 -3.75 15.36
N PHE A 175 2.14 -4.28 15.10
CA PHE A 175 1.12 -3.64 14.26
C PHE A 175 -0.12 -3.38 15.13
N LYS A 176 -0.21 -2.21 15.75
CA LYS A 176 -1.13 -1.93 16.83
C LYS A 176 -1.94 -0.69 16.51
N PRO A 177 -3.26 -0.71 16.80
CA PRO A 177 -4.08 0.44 16.50
C PRO A 177 -3.52 1.74 17.06
N ASP A 178 -2.89 1.71 18.21
CA ASP A 178 -2.55 3.00 18.85
C ASP A 178 -1.37 3.64 18.17
N ASP A 179 -0.59 2.89 17.39
CA ASP A 179 0.65 3.50 16.86
C ASP A 179 1.09 3.23 15.44
N THR A 180 0.34 2.39 14.73
CA THR A 180 0.72 1.98 13.36
C THR A 180 0.87 3.19 12.46
N LEU A 181 1.91 3.14 11.65
CA LEU A 181 2.19 4.15 10.65
C LEU A 181 1.55 3.84 9.31
N ALA A 182 0.66 2.85 9.30
CA ALA A 182 -0.01 2.47 8.06
C ALA A 182 -0.82 3.65 7.46
N SER A 183 -0.94 3.65 6.13
CA SER A 183 -1.70 4.65 5.40
C SER A 183 -2.61 4.04 4.35
N VAL A 184 -3.71 4.75 4.10
CA VAL A 184 -4.59 4.51 2.99
C VAL A 184 -4.37 5.63 2.01
N VAL A 185 -4.25 5.26 0.74
CA VAL A 185 -4.26 6.22 -0.38
C VAL A 185 -5.40 5.93 -1.34
N LEU A 186 -6.21 6.96 -1.58
CA LEU A 186 -7.35 6.84 -2.47
C LEU A 186 -6.90 7.49 -3.78
N ILE A 187 -6.37 6.67 -4.71
CA ILE A 187 -5.76 7.18 -5.96
C ILE A 187 -6.84 7.18 -7.05
N ARG A 188 -6.99 8.32 -7.73
CA ARG A 188 -7.81 8.46 -8.93
C ARG A 188 -6.90 8.57 -10.16
N TYR A 189 -7.07 7.59 -11.06
CA TYR A 189 -6.52 7.64 -12.43
C TYR A 189 -7.66 8.05 -13.36
N PRO A 190 -7.54 9.20 -14.06
CA PRO A 190 -8.57 9.65 -14.93
C PRO A 190 -8.56 9.11 -16.35
N TYR A 191 -9.74 9.09 -16.97
CA TYR A 191 -9.87 9.08 -18.42
C TYR A 191 -9.70 10.51 -18.94
N LEU A 192 -8.87 10.66 -19.94
CA LEU A 192 -8.60 11.98 -20.52
C LEU A 192 -8.53 11.90 -22.03
N ASP A 193 -9.22 12.82 -22.71
CA ASP A 193 -9.18 12.84 -24.18
C ASP A 193 -9.03 14.29 -24.59
N PRO A 194 -7.86 14.70 -25.06
CA PRO A 194 -6.68 13.86 -25.33
C PRO A 194 -5.91 13.66 -24.04
N TYR A 195 -5.15 12.59 -24.00
CA TYR A 195 -4.37 12.27 -22.83
C TYR A 195 -3.03 12.91 -23.06
N PRO A 196 -2.63 13.80 -22.16
CA PRO A 196 -1.35 14.49 -22.39
C PRO A 196 -0.09 13.55 -22.33
N GLU A 197 0.71 13.58 -23.38
CA GLU A 197 1.97 12.80 -23.44
C GLU A 197 2.94 13.04 -22.30
N ALA A 198 2.97 14.30 -21.88
CA ALA A 198 3.75 14.72 -20.74
C ALA A 198 3.38 13.96 -19.47
N ALA A 199 2.14 13.43 -19.38
CA ALA A 199 1.74 12.60 -18.24
C ALA A 199 2.05 11.12 -18.44
N ILE A 200 2.66 10.74 -19.58
CA ILE A 200 2.99 9.34 -19.86
C ILE A 200 4.52 9.17 -19.86
N LYS A 201 5.04 8.28 -19.02
CA LYS A 201 6.45 7.97 -19.06
C LYS A 201 6.66 6.79 -19.98
N THR A 202 7.89 6.61 -20.47
CA THR A 202 8.22 5.46 -21.35
C THR A 202 9.32 4.64 -20.75
N ALA A 203 9.06 3.35 -20.59
CA ALA A 203 10.04 2.40 -20.05
C ALA A 203 11.16 2.13 -21.06
N ALA A 204 12.27 1.58 -20.60
CA ALA A 204 13.37 1.23 -21.50
C ALA A 204 12.89 0.29 -22.61
N ASP A 205 11.91 -0.55 -22.31
CA ASP A 205 11.41 -1.48 -23.31
C ASP A 205 10.29 -0.91 -24.16
N GLY A 206 10.05 0.38 -24.03
CA GLY A 206 9.00 0.97 -24.79
C GLY A 206 7.62 0.96 -24.21
N THR A 207 7.41 0.28 -23.11
CA THR A 207 6.08 0.29 -22.49
C THR A 207 5.72 1.70 -21.97
N LYS A 208 4.51 2.15 -22.28
CA LYS A 208 3.99 3.39 -21.72
C LYS A 208 3.46 3.14 -20.30
N LEU A 209 3.93 4.01 -19.41
CA LEU A 209 3.74 3.90 -17.97
C LEU A 209 3.14 5.14 -17.36
N SER A 210 2.35 4.94 -16.32
CA SER A 210 1.95 6.00 -15.41
C SER A 210 2.91 6.14 -14.24
N PHE A 211 3.55 5.04 -13.80
CA PHE A 211 4.52 5.07 -12.70
C PHE A 211 5.57 4.05 -12.95
N GLU A 212 6.84 4.45 -12.80
CA GLU A 212 7.99 3.59 -13.04
C GLU A 212 8.23 2.50 -11.98
N TRP A 213 9.19 1.66 -12.34
CA TRP A 213 9.59 0.51 -11.57
C TRP A 213 9.97 0.92 -10.18
N HIS A 214 9.60 0.11 -9.22
CA HIS A 214 9.98 0.37 -7.85
C HIS A 214 9.72 -0.84 -7.01
N GLU A 215 10.28 -0.82 -5.79
CA GLU A 215 9.81 -1.68 -4.72
C GLU A 215 8.94 -0.87 -3.77
N ASP A 216 8.00 -1.52 -3.08
CA ASP A 216 7.08 -0.78 -2.14
C ASP A 216 7.80 -0.48 -0.82
N VAL A 217 7.50 0.71 -0.31
CA VAL A 217 7.93 1.16 1.03
C VAL A 217 6.80 0.71 1.96
N SER A 218 7.00 -0.50 2.52
CA SER A 218 6.04 -1.14 3.38
C SER A 218 6.65 -2.44 3.92
N LEU A 219 5.96 -3.04 4.87
CA LEU A 219 6.18 -4.42 5.23
C LEU A 219 5.47 -5.31 4.22
N ILE A 220 4.16 -5.11 4.11
CA ILE A 220 3.35 -5.57 2.98
C ILE A 220 2.38 -4.45 2.52
N THR A 221 1.90 -4.59 1.29
CA THR A 221 0.91 -3.70 0.66
C THR A 221 -0.33 -4.58 0.37
N VAL A 222 -1.51 -4.02 0.65
CA VAL A 222 -2.85 -4.65 0.60
C VAL A 222 -3.70 -3.74 -0.28
N LEU A 223 -3.89 -4.15 -1.52
CA LEU A 223 -4.33 -3.20 -2.54
C LEU A 223 -5.62 -3.64 -3.17
N TYR A 224 -6.60 -2.73 -3.19
CA TYR A 224 -7.79 -2.86 -4.02
C TYR A 224 -7.62 -1.93 -5.28
N GLN A 225 -7.92 -2.50 -6.43
CA GLN A 225 -8.01 -1.72 -7.70
C GLN A 225 -9.23 -2.08 -8.52
N SER A 226 -9.59 -1.20 -9.47
CA SER A 226 -10.63 -1.49 -10.40
C SER A 226 -10.24 -2.64 -11.28
N ASN A 227 -11.23 -3.13 -11.99
CA ASN A 227 -11.05 -4.25 -12.88
C ASN A 227 -10.53 -3.78 -14.24
N VAL A 228 -9.39 -3.09 -14.24
CA VAL A 228 -8.74 -2.63 -15.41
C VAL A 228 -7.29 -3.04 -15.25
N GLN A 229 -6.79 -3.93 -16.14
CA GLN A 229 -5.43 -4.44 -16.09
C GLN A 229 -4.41 -3.32 -16.26
N ASN A 230 -3.38 -3.31 -15.41
CA ASN A 230 -2.39 -2.20 -15.46
C ASN A 230 -1.04 -2.52 -14.90
N LEU A 231 -0.99 -3.40 -13.89
CA LEU A 231 0.26 -3.71 -13.17
C LEU A 231 1.15 -4.73 -13.88
N GLN A 232 2.47 -4.51 -13.85
CA GLN A 232 3.40 -5.54 -14.33
C GLN A 232 4.45 -5.78 -13.26
N VAL A 233 4.88 -7.01 -13.12
CA VAL A 233 5.92 -7.39 -12.19
C VAL A 233 7.13 -7.98 -12.94
N GLU A 234 8.33 -7.56 -12.54
CA GLU A 234 9.50 -8.06 -13.17
C GLU A 234 9.83 -9.45 -12.57
N THR A 235 10.11 -10.41 -13.45
CA THR A 235 10.50 -11.75 -13.04
C THR A 235 11.76 -12.11 -13.81
N ALA A 236 12.32 -13.31 -13.63
CA ALA A 236 13.51 -13.69 -14.45
C ALA A 236 13.14 -13.84 -15.92
N ALA A 237 11.84 -13.99 -16.22
CA ALA A 237 11.38 -14.01 -17.62
C ALA A 237 10.92 -12.68 -18.15
N GLY A 238 11.22 -11.59 -17.41
CA GLY A 238 10.93 -10.21 -17.84
C GLY A 238 9.68 -9.72 -17.13
N TYR A 239 9.14 -8.59 -17.58
CA TYR A 239 7.95 -8.01 -16.96
C TYR A 239 6.73 -8.84 -17.39
N GLN A 240 5.93 -9.25 -16.42
CA GLN A 240 4.70 -9.96 -16.70
C GLN A 240 3.48 -9.18 -16.23
N ASP A 241 2.36 -9.38 -16.89
CA ASP A 241 1.12 -8.67 -16.60
C ASP A 241 0.43 -9.33 -15.40
N ILE A 242 0.13 -8.52 -14.38
CA ILE A 242 -0.74 -8.97 -13.31
C ILE A 242 -2.17 -8.79 -13.71
N GLU A 243 -2.93 -9.87 -13.70
CA GLU A 243 -4.32 -9.72 -14.05
C GLU A 243 -5.15 -8.97 -12.97
N ALA A 244 -6.14 -8.21 -13.43
CA ALA A 244 -7.01 -7.45 -12.53
C ALA A 244 -8.00 -8.43 -11.84
N ASP A 245 -8.41 -8.10 -10.62
CA ASP A 245 -9.46 -8.81 -9.93
C ASP A 245 -10.03 -7.87 -8.89
N ASP A 246 -11.10 -7.20 -9.25
CA ASP A 246 -11.64 -6.20 -8.32
C ASP A 246 -12.62 -6.85 -7.30
N THR A 247 -12.51 -8.14 -7.03
CA THR A 247 -13.17 -8.69 -5.91
C THR A 247 -12.19 -9.08 -4.75
N GLY A 248 -10.92 -9.19 -5.04
CA GLY A 248 -9.90 -9.58 -4.09
C GLY A 248 -8.97 -8.43 -3.77
N TYR A 249 -8.11 -8.67 -2.78
CA TYR A 249 -7.01 -7.74 -2.54
C TYR A 249 -5.69 -8.29 -3.11
N LEU A 250 -4.99 -7.47 -3.88
CA LEU A 250 -3.65 -7.82 -4.36
C LEU A 250 -2.65 -7.54 -3.26
N ILE A 251 -1.85 -8.57 -2.97
CA ILE A 251 -0.95 -8.51 -1.81
C ILE A 251 0.44 -8.69 -2.34
N ASN A 252 1.34 -7.82 -1.88
CA ASN A 252 2.79 -8.06 -2.00
C ASN A 252 3.62 -7.55 -0.83
N CYS A 253 4.85 -8.02 -0.78
CA CYS A 253 5.83 -7.59 0.19
C CYS A 253 6.50 -6.31 -0.23
N GLY A 254 6.83 -5.45 0.77
CA GLY A 254 7.62 -4.26 0.56
C GLY A 254 9.05 -4.55 1.03
N SER A 255 9.93 -3.54 0.95
CA SER A 255 11.36 -3.75 1.19
C SER A 255 11.67 -3.96 2.66
N TYR A 256 10.75 -3.61 3.59
CA TYR A 256 10.99 -3.99 4.99
C TYR A 256 10.96 -5.48 5.22
N MET A 257 9.99 -6.12 4.58
CA MET A 257 10.00 -7.58 4.59
C MET A 257 11.27 -8.22 3.97
N ALA A 258 11.71 -7.69 2.83
CA ALA A 258 12.95 -8.13 2.19
C ALA A 258 14.15 -7.95 3.14
N HIS A 259 14.21 -6.87 3.86
CA HIS A 259 15.28 -6.71 4.82
C HIS A 259 15.27 -7.77 5.94
N LEU A 260 14.11 -7.99 6.56
CA LEU A 260 13.94 -8.88 7.70
C LEU A 260 14.22 -10.34 7.37
N THR A 261 13.90 -10.73 6.17
CA THR A 261 14.00 -12.12 5.73
C THR A 261 15.28 -12.36 4.88
N ASN A 262 16.14 -11.34 4.80
CA ASN A 262 17.33 -11.42 3.97
C ASN A 262 16.99 -11.82 2.54
N ASN A 263 15.97 -11.19 2.00
CA ASN A 263 15.60 -11.42 0.61
C ASN A 263 15.05 -12.80 0.31
N TYR A 264 14.78 -13.63 1.33
CA TYR A 264 13.92 -14.81 1.12
C TYR A 264 12.51 -14.51 0.54
N TYR A 265 11.88 -13.47 1.08
CA TYR A 265 10.68 -12.85 0.48
C TYR A 265 11.13 -11.50 -0.09
N LYS A 266 11.43 -11.49 -1.37
CA LYS A 266 11.83 -10.27 -2.01
C LYS A 266 10.63 -9.31 -2.08
N ALA A 267 10.96 -8.03 -2.14
CA ALA A 267 10.02 -7.03 -2.50
C ALA A 267 9.99 -7.00 -4.06
N PRO A 268 8.90 -7.45 -4.65
CA PRO A 268 8.84 -7.51 -6.09
C PRO A 268 8.92 -6.15 -6.71
N ILE A 269 9.72 -6.04 -7.78
CA ILE A 269 9.78 -4.85 -8.59
C ILE A 269 8.62 -4.86 -9.53
N HIS A 270 7.90 -3.74 -9.52
CA HIS A 270 6.72 -3.61 -10.33
C HIS A 270 6.56 -2.17 -10.78
N ARG A 271 5.72 -2.01 -11.83
CA ARG A 271 5.45 -0.70 -12.43
C ARG A 271 3.98 -0.72 -12.87
N VAL A 272 3.50 0.47 -13.17
CA VAL A 272 2.06 0.72 -13.52
C VAL A 272 2.02 1.21 -14.98
N LYS A 273 1.44 0.39 -15.84
CA LYS A 273 1.23 0.77 -17.22
C LYS A 273 0.23 1.90 -17.35
N TRP A 274 0.45 2.69 -18.39
CA TRP A 274 -0.43 3.76 -18.80
C TRP A 274 -1.64 3.12 -19.43
N VAL A 275 -2.81 3.46 -18.91
CA VAL A 275 -4.11 3.05 -19.48
C VAL A 275 -5.00 4.26 -19.45
N ASN A 276 -5.63 4.59 -20.56
CA ASN A 276 -6.61 5.71 -20.59
C ASN A 276 -8.00 5.24 -20.15
N ALA A 277 -8.14 5.14 -18.83
CA ALA A 277 -9.36 4.60 -18.16
C ALA A 277 -9.52 5.29 -16.83
N GLU A 278 -10.78 5.62 -16.49
CA GLU A 278 -11.18 6.12 -15.22
C GLU A 278 -11.21 4.97 -14.22
N ARG A 279 -10.25 4.98 -13.31
CA ARG A 279 -10.06 3.87 -12.42
C ARG A 279 -9.54 4.28 -11.04
N GLN A 280 -9.54 3.33 -10.15
CA GLN A 280 -9.10 3.51 -8.78
C GLN A 280 -8.01 2.55 -8.44
N SER A 281 -7.09 3.04 -7.66
CA SER A 281 -6.09 2.21 -6.99
C SER A 281 -6.02 2.65 -5.49
N LEU A 282 -6.38 1.74 -4.60
CA LEU A 282 -6.62 2.07 -3.21
C LEU A 282 -5.72 1.22 -2.33
N PRO A 283 -4.43 1.57 -2.30
CA PRO A 283 -3.55 0.87 -1.41
C PRO A 283 -3.64 1.18 0.08
N PHE A 284 -3.43 0.14 0.88
CA PHE A 284 -3.15 0.24 2.33
C PHE A 284 -1.72 -0.24 2.51
N PHE A 285 -0.85 0.64 2.92
CA PHE A 285 0.57 0.31 3.20
C PHE A 285 0.66 -0.08 4.66
N VAL A 286 0.97 -1.38 4.87
CA VAL A 286 1.10 -1.96 6.20
C VAL A 286 2.45 -1.59 6.78
N ASN A 287 2.45 -0.58 7.62
CA ASN A 287 3.65 -0.04 8.31
C ASN A 287 3.49 -0.37 9.81
N LEU A 288 4.62 -0.59 10.49
CA LEU A 288 4.62 -0.86 11.89
C LEU A 288 4.68 0.48 12.63
N GLY A 289 5.08 0.43 13.89
CA GLY A 289 5.24 1.59 14.77
C GLY A 289 6.60 2.24 14.60
N TYR A 290 6.69 3.51 15.00
CA TYR A 290 7.91 4.30 14.79
C TYR A 290 9.19 3.59 15.35
N ASP A 291 9.05 2.99 16.53
CA ASP A 291 10.16 2.35 17.25
C ASP A 291 10.19 0.83 17.04
N SER A 292 9.30 0.29 16.20
CA SER A 292 9.29 -1.14 15.96
C SER A 292 10.61 -1.60 15.32
N VAL A 293 11.28 -2.53 15.96
CA VAL A 293 12.50 -3.15 15.41
C VAL A 293 12.25 -4.68 15.44
N ILE A 294 12.37 -5.34 14.32
CA ILE A 294 12.43 -6.79 14.28
C ILE A 294 13.85 -7.18 13.92
N ASP A 295 14.47 -8.06 14.72
CA ASP A 295 15.75 -8.62 14.34
C ASP A 295 15.70 -9.40 13.01
N PRO A 296 16.56 -8.99 12.10
CA PRO A 296 16.58 -9.64 10.80
C PRO A 296 16.98 -11.10 10.90
N PHE A 297 16.49 -11.95 10.03
CA PHE A 297 16.83 -13.37 10.10
C PHE A 297 16.87 -13.90 8.68
N ASP A 298 17.21 -15.17 8.54
CA ASP A 298 17.32 -15.83 7.24
C ASP A 298 16.82 -17.25 7.34
N PRO A 299 15.63 -17.49 6.82
CA PRO A 299 15.00 -18.82 6.79
C PRO A 299 15.58 -19.85 5.77
N ARG A 300 16.63 -19.45 5.05
CA ARG A 300 17.37 -20.33 4.21
C ARG A 300 18.67 -20.76 4.87
N GLU A 301 18.96 -20.23 6.05
CA GLU A 301 20.17 -20.59 6.74
C GLU A 301 19.84 -21.45 7.98
N PRO A 302 20.55 -22.59 8.19
CA PRO A 302 20.33 -23.49 9.34
C PRO A 302 20.15 -22.82 10.68
N ASN A 303 20.99 -21.85 11.00
CA ASN A 303 20.89 -21.18 12.33
C ASN A 303 19.98 -19.97 12.29
N GLY A 304 19.44 -19.65 11.10
CA GLY A 304 18.52 -18.54 10.95
C GLY A 304 19.18 -17.18 11.05
N LYS A 305 20.52 -17.12 11.06
CA LYS A 305 21.20 -15.81 11.31
C LYS A 305 21.38 -15.01 10.01
N SER A 306 21.40 -13.70 10.14
CA SER A 306 21.53 -12.79 9.00
C SER A 306 22.75 -11.83 9.15
N ASP A 307 23.42 -11.47 8.06
CA ASP A 307 24.42 -10.36 8.12
C ASP A 307 23.84 -8.95 7.87
N ARG A 308 22.52 -8.78 8.04
CA ARG A 308 21.86 -7.46 7.99
C ARG A 308 21.74 -6.95 9.43
N GLU A 309 21.73 -5.64 9.63
CA GLU A 309 21.55 -5.01 10.93
C GLU A 309 20.08 -4.57 11.22
N PRO A 310 19.67 -4.54 12.49
CA PRO A 310 18.31 -4.12 12.79
C PRO A 310 18.09 -2.72 12.36
N LEU A 311 16.88 -2.43 11.87
CA LEU A 311 16.53 -1.10 11.38
C LEU A 311 15.15 -0.80 11.92
N SER A 312 14.99 0.33 12.60
CA SER A 312 13.73 0.71 13.20
C SER A 312 12.75 1.03 12.09
N TYR A 313 11.49 0.67 12.25
CA TYR A 313 10.50 0.98 11.18
C TYR A 313 10.43 2.49 10.86
N GLY A 314 10.44 3.34 11.89
CA GLY A 314 10.38 4.76 11.68
C GLY A 314 11.48 5.31 10.80
N ASP A 315 12.70 4.85 11.06
CA ASP A 315 13.84 5.15 10.20
C ASP A 315 13.64 4.68 8.76
N TYR A 316 13.20 3.44 8.62
CA TYR A 316 12.98 2.84 7.31
C TYR A 316 11.97 3.65 6.52
N LEU A 317 10.89 4.00 7.21
CA LEU A 317 9.76 4.67 6.54
C LEU A 317 10.14 6.10 6.03
N GLN A 318 10.69 6.91 6.92
CA GLN A 318 11.00 8.27 6.54
C GLN A 318 12.04 8.34 5.42
N ASN A 319 13.09 7.53 5.51
CA ASN A 319 14.04 7.45 4.36
C ASN A 319 13.40 6.90 3.08
N GLY A 320 12.62 5.83 3.21
CA GLY A 320 12.01 5.19 2.09
C GLY A 320 11.11 6.14 1.32
N LEU A 321 10.31 6.90 2.04
CA LEU A 321 9.37 7.73 1.35
C LEU A 321 10.00 8.89 0.66
N VAL A 322 11.06 9.42 1.26
CA VAL A 322 11.89 10.40 0.55
C VAL A 322 12.50 9.85 -0.71
N SER A 323 13.13 8.67 -0.62
CA SER A 323 13.82 8.11 -1.77
C SER A 323 12.89 7.78 -2.92
N LEU A 324 11.68 7.33 -2.59
CA LEU A 324 10.70 7.02 -3.60
C LEU A 324 10.31 8.28 -4.41
N ILE A 325 10.06 9.38 -3.70
CA ILE A 325 9.84 10.70 -4.34
C ILE A 325 11.08 11.04 -5.22
N ASN A 326 12.27 10.88 -4.68
CA ASN A 326 13.46 11.16 -5.51
C ASN A 326 13.54 10.30 -6.78
N LYS A 327 13.30 8.99 -6.64
CA LYS A 327 13.47 8.04 -7.76
C LYS A 327 12.40 8.28 -8.82
N ASN A 328 11.14 8.33 -8.35
CA ASN A 328 9.99 8.26 -9.27
C ASN A 328 9.12 9.51 -9.32
N GLY A 329 9.51 10.59 -8.63
CA GLY A 329 8.73 11.82 -8.66
C GLY A 329 7.68 12.02 -7.57
N GLN A 330 7.35 13.27 -7.24
CA GLN A 330 6.27 13.61 -6.35
C GLN A 330 4.97 13.11 -6.94
N THR A 331 4.24 12.32 -6.14
CA THR A 331 2.93 11.80 -6.55
C THR A 331 1.83 12.82 -6.27
#